data_3OKH
#
_entry.id   3OKH
#
_cell.length_a   35.730
_cell.length_b   153.680
_cell.length_c   115.320
_cell.angle_alpha   90.00
_cell.angle_beta   90.00
_cell.angle_gamma   90.00
#
_symmetry.space_group_name_H-M   'C 2 2 21'
#
loop_
_entity.id
_entity.type
_entity.pdbx_description
1 polymer 'Bile acid receptor'
2 polymer 'peptide of Nuclear receptor coactivator 1'
3 non-polymer '2-(4-chlorophenyl)-1-[(1S)-1-cyclohexyl-2-(cyclohexylamino)-2-oxoethyl]-1H-benzimidazole-6-carboxylic acid'
4 water water
#
loop_
_entity_poly.entity_id
_entity_poly.type
_entity_poly.pdbx_seq_one_letter_code
_entity_poly.pdbx_strand_id
1 'polypeptide(L)'
;GSHMELTPDQQTLLHFIMDSYNKQRMPQEITNKILKEAFSAEENFLILTEMATNHVQVLVEFTKKLPGFQTLDHEDQIAL
LKGSAVEAMFLRSAEIFNKKLPSGHSDLLEARIRNSGISDEYITPMFSFYKSIGELKMTQEEYALLTAIVILSPDRQYIK
DREAVEKLQEPLLDVLQKLCKIHQPENPQHFACLLGRLTELRTFNHHHAEMLMSWRVNDHKFTPLLCEIWDVQ
;
A
2 'polypeptide(L)' KDHQLLRYLLDKDE B
#
# COMPACT_ATOMS: atom_id res chain seq x y z
N GLU A 5 -26.39 -4.91 -4.70
CA GLU A 5 -27.28 -3.82 -4.35
C GLU A 5 -26.57 -2.59 -3.76
N LEU A 6 -25.93 -1.81 -4.64
CA LEU A 6 -25.28 -0.58 -4.25
C LEU A 6 -26.19 0.61 -4.56
N THR A 7 -26.16 1.66 -3.72
CA THR A 7 -26.95 2.88 -3.93
C THR A 7 -26.31 3.68 -5.11
N PRO A 8 -26.88 4.83 -5.55
CA PRO A 8 -26.27 5.55 -6.68
C PRO A 8 -25.06 6.35 -6.22
N ASP A 9 -25.12 6.95 -5.01
CA ASP A 9 -24.05 7.69 -4.35
C ASP A 9 -22.92 6.75 -3.90
N GLN A 10 -23.19 5.43 -3.95
CA GLN A 10 -22.28 4.34 -3.64
C GLN A 10 -21.60 3.87 -4.89
N GLN A 11 -22.34 3.71 -6.02
CA GLN A 11 -21.76 3.30 -7.30
C GLN A 11 -20.85 4.37 -7.85
N THR A 12 -21.22 5.65 -7.67
CA THR A 12 -20.43 6.81 -8.13
C THR A 12 -19.15 6.87 -7.30
N LEU A 13 -19.28 6.75 -5.96
CA LEU A 13 -18.13 6.77 -5.07
C LEU A 13 -17.14 5.64 -5.41
N LEU A 14 -17.67 4.42 -5.60
CA LEU A 14 -16.93 3.23 -5.97
C LEU A 14 -16.21 3.45 -7.30
N HIS A 15 -16.95 3.88 -8.34
CA HIS A 15 -16.44 4.20 -9.68
C HIS A 15 -15.28 5.19 -9.60
N PHE A 16 -15.39 6.17 -8.68
CA PHE A 16 -14.39 7.20 -8.44
C PHE A 16 -13.12 6.54 -7.95
N ILE A 17 -13.22 5.81 -6.81
CA ILE A 17 -12.13 5.08 -6.15
C ILE A 17 -11.44 4.12 -7.14
N MET A 18 -12.25 3.46 -7.99
CA MET A 18 -11.80 2.53 -9.03
C MET A 18 -11.07 3.25 -10.16
N ASP A 19 -11.52 4.47 -10.51
CA ASP A 19 -10.88 5.27 -11.54
C ASP A 19 -9.45 5.64 -11.15
N SER A 20 -9.26 6.17 -9.93
CA SER A 20 -7.94 6.51 -9.45
C SER A 20 -7.06 5.27 -9.23
N TYR A 21 -7.63 4.16 -8.71
CA TYR A 21 -6.86 2.94 -8.45
C TYR A 21 -6.30 2.30 -9.71
N ASN A 22 -7.04 2.39 -10.82
CA ASN A 22 -6.61 1.82 -12.10
C ASN A 22 -5.58 2.64 -12.85
N LYS A 23 -5.26 3.82 -12.35
CA LYS A 23 -4.22 4.68 -12.92
C LYS A 23 -2.85 4.23 -12.43
N GLN A 24 -2.83 3.43 -11.37
CA GLN A 24 -1.59 3.09 -10.74
C GLN A 24 -0.93 2.05 -11.59
N ARG A 25 -0.06 2.57 -12.43
CA ARG A 25 0.78 1.78 -13.32
C ARG A 25 2.17 1.73 -12.69
N MET A 26 3.02 0.89 -13.25
CA MET A 26 4.39 0.80 -12.82
C MET A 26 5.21 0.69 -14.09
N PRO A 27 6.02 1.74 -14.41
CA PRO A 27 6.82 1.70 -15.65
C PRO A 27 7.49 0.35 -15.92
N GLN A 28 7.27 -0.17 -17.15
CA GLN A 28 7.85 -1.43 -17.67
C GLN A 28 9.38 -1.42 -17.56
N GLU A 29 9.98 -0.23 -17.51
CA GLU A 29 11.41 -0.05 -17.43
C GLU A 29 11.95 -0.52 -16.10
N ILE A 30 11.19 -0.23 -15.02
CA ILE A 30 11.53 -0.61 -13.65
C ILE A 30 11.23 -2.08 -13.42
N THR A 31 10.00 -2.54 -13.75
CA THR A 31 9.57 -3.94 -13.56
C THR A 31 10.41 -4.94 -14.34
N ASN A 32 10.80 -4.56 -15.57
CA ASN A 32 11.63 -5.38 -16.44
C ASN A 32 12.97 -5.74 -15.80
N LYS A 33 13.40 -4.95 -14.80
CA LYS A 33 14.63 -5.23 -14.07
C LYS A 33 14.51 -6.57 -13.32
N ILE A 34 13.32 -6.88 -12.75
CA ILE A 34 13.08 -8.16 -12.07
C ILE A 34 13.50 -9.36 -12.95
N LEU A 35 13.19 -9.29 -14.25
CA LEU A 35 13.52 -10.35 -15.20
C LEU A 35 14.89 -10.19 -15.88
N LYS A 36 15.53 -9.03 -15.75
CA LYS A 36 16.79 -8.80 -16.47
C LYS A 36 17.99 -8.47 -15.59
N GLU A 37 17.78 -7.82 -14.43
CA GLU A 37 18.86 -7.45 -13.53
C GLU A 37 19.63 -8.62 -12.96
N ALA A 38 20.83 -8.32 -12.42
CA ALA A 38 21.72 -9.31 -11.84
C ALA A 38 21.26 -9.65 -10.45
N PHE A 39 21.47 -10.89 -10.04
CA PHE A 39 21.11 -11.32 -8.70
C PHE A 39 22.20 -11.01 -7.68
N SER A 40 21.99 -9.94 -6.93
CA SER A 40 22.86 -9.49 -5.84
C SER A 40 22.06 -8.63 -4.90
N ALA A 41 22.41 -8.60 -3.61
CA ALA A 41 21.71 -7.80 -2.60
C ALA A 41 21.53 -6.34 -3.00
N GLU A 42 22.51 -5.77 -3.71
CA GLU A 42 22.54 -4.40 -4.20
C GLU A 42 21.52 -4.17 -5.33
N GLU A 43 21.58 -4.99 -6.39
CA GLU A 43 20.64 -4.89 -7.51
C GLU A 43 19.19 -5.07 -7.05
N ASN A 44 18.94 -6.00 -6.09
CA ASN A 44 17.60 -6.24 -5.53
C ASN A 44 17.18 -5.07 -4.65
N PHE A 45 18.10 -4.51 -3.86
CA PHE A 45 17.82 -3.32 -3.07
C PHE A 45 17.52 -2.12 -4.01
N LEU A 46 18.25 -2.06 -5.14
CA LEU A 46 18.06 -1.03 -6.15
C LEU A 46 16.61 -1.06 -6.68
N ILE A 47 16.10 -2.26 -7.06
CA ILE A 47 14.72 -2.49 -7.54
C ILE A 47 13.70 -2.00 -6.54
N LEU A 48 13.82 -2.42 -5.28
CA LEU A 48 12.94 -2.00 -4.20
C LEU A 48 12.85 -0.48 -4.15
N THR A 49 14.01 0.23 -4.22
CA THR A 49 14.02 1.69 -4.15
C THR A 49 13.25 2.38 -5.28
N GLU A 50 13.60 2.08 -6.53
CA GLU A 50 12.92 2.62 -7.70
C GLU A 50 11.38 2.39 -7.67
N MET A 51 10.97 1.13 -7.34
CA MET A 51 9.58 0.70 -7.22
C MET A 51 8.83 1.44 -6.15
N ALA A 52 9.35 1.44 -4.90
CA ALA A 52 8.73 2.10 -3.74
C ALA A 52 8.66 3.64 -3.91
N THR A 53 9.57 4.23 -4.71
CA THR A 53 9.61 5.65 -5.04
C THR A 53 8.49 5.98 -6.04
N ASN A 54 8.35 5.19 -7.12
CA ASN A 54 7.24 5.34 -8.06
C ASN A 54 5.92 5.16 -7.32
N HIS A 55 5.87 4.18 -6.38
CA HIS A 55 4.67 3.89 -5.61
C HIS A 55 4.21 5.11 -4.83
N VAL A 56 5.15 5.82 -4.21
CA VAL A 56 4.77 7.01 -3.45
C VAL A 56 4.24 8.12 -4.36
N GLN A 57 4.87 8.32 -5.53
CA GLN A 57 4.41 9.30 -6.53
C GLN A 57 2.98 8.98 -6.97
N VAL A 58 2.69 7.70 -7.22
CA VAL A 58 1.34 7.26 -7.60
C VAL A 58 0.34 7.20 -6.45
N LEU A 59 0.81 6.91 -5.23
CA LEU A 59 -0.09 6.88 -4.09
C LEU A 59 -0.65 8.28 -3.79
N VAL A 60 0.22 9.34 -3.87
CA VAL A 60 -0.18 10.74 -3.68
C VAL A 60 -1.27 11.11 -4.70
N GLU A 61 -1.09 10.70 -5.95
CA GLU A 61 -2.06 10.91 -7.02
C GLU A 61 -3.40 10.20 -6.70
N PHE A 62 -3.33 8.96 -6.18
CA PHE A 62 -4.52 8.22 -5.78
C PHE A 62 -5.20 8.93 -4.60
N THR A 63 -4.41 9.36 -3.61
CA THR A 63 -4.90 10.06 -2.42
C THR A 63 -5.64 11.38 -2.72
N LYS A 64 -5.09 12.26 -3.58
CA LYS A 64 -5.81 13.49 -3.87
C LYS A 64 -7.04 13.34 -4.77
N LYS A 65 -7.10 12.26 -5.58
CA LYS A 65 -8.28 12.00 -6.42
C LYS A 65 -9.38 11.36 -5.58
N LEU A 66 -9.16 11.27 -4.25
CA LEU A 66 -10.08 10.71 -3.27
C LEU A 66 -11.17 11.73 -2.95
N PRO A 67 -12.40 11.24 -2.71
CA PRO A 67 -13.52 12.16 -2.45
C PRO A 67 -13.46 12.81 -1.08
N GLY A 68 -13.15 14.10 -1.09
CA GLY A 68 -13.07 14.96 0.08
C GLY A 68 -11.70 15.18 0.67
N PHE A 69 -10.70 14.38 0.23
CA PHE A 69 -9.35 14.54 0.75
C PHE A 69 -8.92 15.97 0.55
N GLN A 70 -9.02 16.52 -0.67
CA GLN A 70 -8.62 17.89 -1.00
C GLN A 70 -9.30 18.96 -0.11
N THR A 71 -10.48 18.63 0.46
CA THR A 71 -11.22 19.49 1.39
C THR A 71 -10.74 19.24 2.84
N LEU A 72 -9.41 19.10 3.00
CA LEU A 72 -8.75 18.87 4.29
C LEU A 72 -7.61 19.83 4.52
N ASP A 73 -7.08 19.78 5.73
CA ASP A 73 -6.03 20.63 6.24
C ASP A 73 -4.66 20.24 5.68
N HIS A 74 -3.90 21.19 5.09
CA HIS A 74 -2.59 20.91 4.51
C HIS A 74 -1.59 20.16 5.37
N GLU A 75 -1.85 20.12 6.68
CA GLU A 75 -1.02 19.41 7.66
C GLU A 75 -1.64 18.04 7.96
N ASP A 76 -2.96 17.90 7.75
CA ASP A 76 -3.74 16.65 7.89
C ASP A 76 -3.67 15.89 6.55
N GLN A 77 -3.66 16.66 5.43
CA GLN A 77 -3.49 16.21 4.05
C GLN A 77 -2.16 15.44 3.98
N ILE A 78 -1.07 16.06 4.47
CA ILE A 78 0.25 15.44 4.48
C ILE A 78 0.46 14.53 5.66
N ALA A 79 -0.37 14.66 6.72
CA ALA A 79 -0.23 13.81 7.90
C ALA A 79 -0.52 12.38 7.46
N LEU A 80 -1.71 12.18 6.90
CA LEU A 80 -2.23 10.93 6.39
C LEU A 80 -1.29 10.24 5.43
N LEU A 81 -0.86 10.95 4.37
CA LEU A 81 0.07 10.44 3.35
C LEU A 81 1.35 9.92 3.93
N LYS A 82 2.00 10.72 4.79
CA LYS A 82 3.24 10.34 5.45
C LYS A 82 3.04 9.07 6.28
N GLY A 83 1.89 8.98 6.93
CA GLY A 83 1.53 7.84 7.77
C GLY A 83 1.16 6.55 7.06
N SER A 84 0.47 6.63 5.89
CA SER A 84 0.02 5.42 5.17
C SER A 84 1.02 4.79 4.22
N ALA A 85 2.09 5.51 3.87
CA ALA A 85 3.14 5.11 2.93
C ALA A 85 3.61 3.65 3.01
N VAL A 86 3.98 3.18 4.22
CA VAL A 86 4.51 1.84 4.46
C VAL A 86 3.42 0.76 4.24
N GLU A 87 2.30 0.89 4.98
CA GLU A 87 1.13 0.04 4.90
C GLU A 87 0.66 -0.13 3.42
N ALA A 88 0.37 0.99 2.74
CA ALA A 88 -0.09 1.03 1.34
C ALA A 88 0.85 0.30 0.37
N MET A 89 2.17 0.36 0.61
CA MET A 89 3.19 -0.28 -0.22
C MET A 89 3.15 -1.80 -0.08
N PHE A 90 3.04 -2.29 1.18
CA PHE A 90 3.01 -3.71 1.53
C PHE A 90 1.71 -4.32 1.11
N LEU A 91 0.66 -3.52 1.11
CA LEU A 91 -0.67 -3.94 0.69
C LEU A 91 -0.65 -4.16 -0.83
N ARG A 92 0.01 -3.26 -1.54
CA ARG A 92 0.19 -3.32 -2.98
C ARG A 92 1.10 -4.49 -3.33
N SER A 93 2.16 -4.69 -2.54
CA SER A 93 3.08 -5.81 -2.68
C SER A 93 2.37 -7.15 -2.47
N ALA A 94 1.46 -7.24 -1.49
CA ALA A 94 0.64 -8.44 -1.19
C ALA A 94 -0.26 -8.75 -2.38
N GLU A 95 -0.92 -7.73 -2.93
CA GLU A 95 -1.78 -7.83 -4.12
C GLU A 95 -1.03 -8.38 -5.32
N ILE A 96 0.16 -7.81 -5.63
CA ILE A 96 0.96 -8.21 -6.78
C ILE A 96 1.51 -9.59 -6.55
N PHE A 97 2.15 -9.81 -5.38
CA PHE A 97 2.73 -11.08 -5.00
C PHE A 97 1.70 -12.20 -5.17
N ASN A 98 0.43 -11.92 -4.86
CA ASN A 98 -0.61 -12.94 -4.94
C ASN A 98 -1.24 -13.15 -6.33
N LYS A 99 -0.60 -12.62 -7.38
CA LYS A 99 -1.09 -12.83 -8.74
C LYS A 99 -0.45 -14.05 -9.32
N LYS A 100 -1.19 -14.78 -10.10
CA LYS A 100 -0.72 -16.00 -10.74
C LYS A 100 0.29 -15.70 -11.84
N LEU A 101 1.56 -16.00 -11.58
CA LEU A 101 2.63 -15.75 -12.55
C LEU A 101 2.97 -17.05 -13.29
N PRO A 102 3.71 -17.01 -14.39
CA PRO A 102 4.07 -18.27 -15.06
C PRO A 102 5.19 -18.98 -14.28
N SER A 103 5.62 -20.12 -14.84
CA SER A 103 6.62 -21.04 -14.29
C SER A 103 7.84 -20.35 -13.64
N GLY A 104 8.01 -20.63 -12.35
CA GLY A 104 9.11 -20.13 -11.53
C GLY A 104 9.43 -18.66 -11.62
N HIS A 105 8.45 -17.82 -11.94
CA HIS A 105 8.58 -16.37 -11.93
C HIS A 105 8.34 -15.90 -10.50
N SER A 106 7.45 -16.60 -9.78
CA SER A 106 7.16 -16.36 -8.36
C SER A 106 8.35 -16.78 -7.50
N ASP A 107 9.09 -17.82 -7.93
CA ASP A 107 10.26 -18.30 -7.25
C ASP A 107 11.39 -17.27 -7.42
N LEU A 108 11.47 -16.67 -8.61
CA LEU A 108 12.43 -15.63 -8.95
C LEU A 108 12.18 -14.43 -8.03
N LEU A 109 10.91 -14.02 -7.92
CA LEU A 109 10.47 -12.91 -7.08
C LEU A 109 10.84 -13.13 -5.63
N GLU A 110 10.43 -14.27 -5.09
CA GLU A 110 10.73 -14.70 -3.71
C GLU A 110 12.24 -14.73 -3.44
N ALA A 111 13.05 -15.14 -4.42
CA ALA A 111 14.51 -15.18 -4.30
C ALA A 111 15.06 -13.75 -4.12
N ARG A 112 14.56 -12.79 -4.94
CA ARG A 112 14.95 -11.38 -4.88
C ARG A 112 14.56 -10.76 -3.57
N ILE A 113 13.30 -10.95 -3.13
CA ILE A 113 12.80 -10.43 -1.85
C ILE A 113 13.77 -10.85 -0.71
N ARG A 114 14.25 -12.10 -0.75
CA ARG A 114 15.16 -12.65 0.24
C ARG A 114 16.50 -11.92 0.19
N ASN A 115 17.23 -12.08 -0.92
CA ASN A 115 18.51 -11.42 -1.09
C ASN A 115 18.42 -9.91 -1.37
N SER A 116 17.76 -9.15 -0.51
CA SER A 116 17.65 -7.70 -0.69
C SER A 116 18.09 -6.88 0.60
N GLY A 117 18.85 -7.54 1.48
CA GLY A 117 19.39 -6.99 2.72
C GLY A 117 18.43 -6.97 3.89
N ILE A 118 17.39 -7.79 3.85
CA ILE A 118 16.39 -7.90 4.92
C ILE A 118 16.63 -9.21 5.67
N SER A 119 16.72 -9.14 7.00
CA SER A 119 16.89 -10.32 7.85
C SER A 119 15.57 -11.03 8.04
N ASP A 120 15.56 -12.35 7.73
CA ASP A 120 14.44 -13.29 7.74
C ASP A 120 13.44 -13.16 8.86
N GLU A 121 13.87 -12.65 10.02
CA GLU A 121 12.99 -12.43 11.16
C GLU A 121 11.84 -11.50 10.82
N TYR A 122 11.97 -10.80 9.66
CA TYR A 122 10.96 -9.90 9.07
C TYR A 122 10.37 -10.54 7.83
N ILE A 123 11.23 -11.22 7.04
CA ILE A 123 10.83 -11.92 5.82
C ILE A 123 9.72 -12.97 6.14
N THR A 124 9.92 -13.75 7.22
CA THR A 124 8.98 -14.77 7.69
C THR A 124 7.61 -14.14 7.90
N PRO A 125 7.46 -13.09 8.77
CA PRO A 125 6.14 -12.45 8.93
C PRO A 125 5.58 -11.81 7.65
N MET A 126 6.47 -11.36 6.75
CA MET A 126 6.10 -10.77 5.46
C MET A 126 5.32 -11.76 4.60
N PHE A 127 5.89 -12.96 4.39
CA PHE A 127 5.28 -14.05 3.63
C PHE A 127 4.11 -14.61 4.37
N SER A 128 4.17 -14.57 5.71
CA SER A 128 3.06 -15.03 6.53
C SER A 128 1.84 -14.16 6.17
N PHE A 129 2.02 -12.80 6.12
CA PHE A 129 1.00 -11.81 5.73
C PHE A 129 0.51 -12.01 4.28
N TYR A 130 1.44 -12.17 3.32
CA TYR A 130 1.13 -12.39 1.91
C TYR A 130 0.18 -13.59 1.69
N LYS A 131 0.48 -14.77 2.30
CA LYS A 131 -0.37 -15.97 2.18
C LYS A 131 -1.75 -15.67 2.75
N SER A 132 -1.82 -15.03 3.94
CA SER A 132 -3.10 -14.68 4.60
C SER A 132 -3.94 -13.81 3.70
N ILE A 133 -3.29 -12.85 3.02
CA ILE A 133 -3.90 -11.96 2.03
C ILE A 133 -4.37 -12.78 0.83
N GLY A 134 -3.52 -13.72 0.39
CA GLY A 134 -3.80 -14.59 -0.75
C GLY A 134 -5.00 -15.48 -0.52
N GLU A 135 -5.17 -15.91 0.74
CA GLU A 135 -6.26 -16.76 1.19
C GLU A 135 -7.62 -16.09 1.10
N LEU A 136 -7.69 -14.76 1.30
CA LEU A 136 -8.98 -14.04 1.23
C LEU A 136 -9.54 -13.87 -0.17
N LYS A 137 -8.75 -14.21 -1.21
CA LYS A 137 -9.10 -14.12 -2.63
C LYS A 137 -9.73 -12.78 -2.96
N MET A 138 -9.06 -11.70 -2.57
CA MET A 138 -9.61 -10.37 -2.71
C MET A 138 -9.72 -9.90 -4.13
N THR A 139 -10.83 -9.24 -4.40
CA THR A 139 -11.16 -8.66 -5.70
C THR A 139 -10.41 -7.32 -5.85
N GLN A 140 -10.47 -6.74 -7.05
CA GLN A 140 -9.82 -5.47 -7.40
C GLN A 140 -10.42 -4.36 -6.53
N GLU A 141 -11.76 -4.32 -6.45
CA GLU A 141 -12.57 -3.37 -5.69
C GLU A 141 -12.24 -3.36 -4.20
N GLU A 142 -11.96 -4.53 -3.61
CA GLU A 142 -11.64 -4.70 -2.19
C GLU A 142 -10.22 -4.17 -1.88
N TYR A 143 -9.27 -4.32 -2.83
CA TYR A 143 -7.90 -3.85 -2.63
C TYR A 143 -7.91 -2.33 -2.65
N ALA A 144 -8.63 -1.74 -3.63
CA ALA A 144 -8.77 -0.30 -3.81
C ALA A 144 -9.44 0.31 -2.57
N LEU A 145 -10.61 -0.23 -2.17
CA LEU A 145 -11.30 0.25 -0.97
C LEU A 145 -10.43 0.13 0.26
N LEU A 146 -9.82 -1.04 0.49
CA LEU A 146 -8.90 -1.25 1.61
C LEU A 146 -7.81 -0.20 1.61
N THR A 147 -7.27 0.16 0.41
CA THR A 147 -6.23 1.18 0.30
C THR A 147 -6.74 2.56 0.71
N ALA A 148 -7.97 2.92 0.31
CA ALA A 148 -8.61 4.18 0.61
C ALA A 148 -8.84 4.32 2.12
N ILE A 149 -9.28 3.22 2.78
CA ILE A 149 -9.49 3.13 4.23
C ILE A 149 -8.17 3.25 5.01
N VAL A 150 -7.11 2.59 4.55
CA VAL A 150 -5.78 2.66 5.19
C VAL A 150 -5.22 4.11 5.16
N ILE A 151 -5.57 4.88 4.11
CA ILE A 151 -5.15 6.28 3.96
C ILE A 151 -6.03 7.15 4.86
N LEU A 152 -7.35 6.97 4.75
CA LEU A 152 -8.34 7.70 5.52
C LEU A 152 -8.46 7.14 6.93
N SER A 153 -7.32 6.89 7.59
CA SER A 153 -7.34 6.38 8.94
C SER A 153 -7.05 7.45 10.00
N PRO A 154 -8.15 7.94 10.62
CA PRO A 154 -8.03 8.93 11.71
C PRO A 154 -7.45 8.25 12.94
N ASP A 155 -6.15 8.04 12.90
CA ASP A 155 -5.42 7.35 13.94
C ASP A 155 -3.98 7.71 13.71
N ARG A 156 -3.13 7.37 14.70
CA ARG A 156 -1.67 7.54 14.67
C ARG A 156 -1.21 8.84 13.95
N TYR A 158 -0.08 12.25 13.59
CA TYR A 158 -0.56 13.16 14.66
C TYR A 158 -1.50 14.26 14.16
N ILE A 159 -2.39 13.88 13.24
CA ILE A 159 -3.37 14.77 12.61
C ILE A 159 -4.25 15.35 13.73
N LYS A 160 -4.57 16.64 13.64
CA LYS A 160 -5.37 17.24 14.69
C LYS A 160 -6.87 16.95 14.67
N ASP A 161 -7.53 17.10 13.50
CA ASP A 161 -8.99 16.98 13.35
C ASP A 161 -9.72 15.67 13.73
N ARG A 162 -9.39 14.53 13.07
CA ARG A 162 -9.99 13.20 13.29
C ARG A 162 -11.45 13.04 12.81
N GLU A 163 -12.40 13.84 13.34
CA GLU A 163 -13.83 13.75 12.97
C GLU A 163 -14.10 13.88 11.47
N ALA A 164 -13.44 14.86 10.82
CA ALA A 164 -13.57 15.07 9.36
C ALA A 164 -12.94 13.89 8.63
N VAL A 165 -11.75 13.41 9.09
CA VAL A 165 -11.04 12.26 8.52
C VAL A 165 -11.95 11.04 8.61
N GLU A 166 -12.57 10.86 9.81
CA GLU A 166 -13.50 9.78 10.08
C GLU A 166 -14.92 10.15 9.65
N LYS A 167 -15.05 10.74 8.47
CA LYS A 167 -16.34 11.13 7.89
C LYS A 167 -16.31 10.75 6.42
N LEU A 168 -15.11 10.81 5.81
CA LEU A 168 -14.84 10.42 4.42
C LEU A 168 -14.65 8.91 4.37
N GLN A 169 -13.90 8.37 5.37
CA GLN A 169 -13.62 6.94 5.51
C GLN A 169 -14.90 6.14 5.74
N GLU A 170 -15.88 6.73 6.42
CA GLU A 170 -17.12 6.08 6.76
C GLU A 170 -17.95 5.47 5.61
N PRO A 171 -18.46 6.20 4.57
CA PRO A 171 -19.20 5.52 3.50
C PRO A 171 -18.34 4.47 2.81
N LEU A 172 -16.98 4.68 2.75
CA LEU A 172 -16.00 3.74 2.19
C LEU A 172 -16.21 2.35 2.77
N LEU A 173 -16.09 2.22 4.11
CA LEU A 173 -16.29 0.98 4.88
C LEU A 173 -17.68 0.39 4.64
N ASP A 174 -18.69 1.27 4.56
CA ASP A 174 -20.09 0.90 4.31
C ASP A 174 -20.20 0.28 2.92
N VAL A 175 -19.40 0.79 1.96
CA VAL A 175 -19.35 0.23 0.59
C VAL A 175 -18.57 -1.08 0.67
N LEU A 176 -17.43 -1.11 1.41
CA LEU A 176 -16.67 -2.34 1.56
C LEU A 176 -17.54 -3.47 2.14
N GLN A 177 -18.44 -3.14 3.08
CA GLN A 177 -19.38 -4.09 3.66
C GLN A 177 -20.34 -4.66 2.62
N LYS A 178 -21.10 -3.79 1.94
CA LYS A 178 -22.06 -4.18 0.92
C LYS A 178 -21.43 -5.13 -0.11
N LEU A 179 -20.18 -4.83 -0.52
CA LEU A 179 -19.35 -5.61 -1.46
C LEU A 179 -19.11 -7.02 -0.97
N CYS A 180 -18.80 -7.16 0.33
CA CYS A 180 -18.55 -8.44 0.99
C CYS A 180 -19.76 -9.36 0.93
N LYS A 181 -20.96 -8.79 0.93
CA LYS A 181 -22.21 -9.56 0.86
C LYS A 181 -22.54 -9.98 -0.56
N ILE A 182 -22.38 -9.07 -1.52
CA ILE A 182 -22.68 -9.36 -2.93
C ILE A 182 -21.80 -10.48 -3.48
N HIS A 183 -20.48 -10.36 -3.26
CA HIS A 183 -19.50 -11.26 -3.85
C HIS A 183 -19.07 -12.46 -3.03
N GLN A 184 -19.10 -12.32 -1.70
CA GLN A 184 -18.78 -13.41 -0.77
C GLN A 184 -19.91 -13.56 0.28
N PRO A 185 -21.17 -13.84 -0.15
CA PRO A 185 -22.27 -13.98 0.81
C PRO A 185 -22.18 -15.27 1.64
N GLU A 186 -21.47 -16.27 1.10
CA GLU A 186 -21.23 -17.56 1.74
C GLU A 186 -20.47 -17.33 3.05
N ASN A 187 -19.39 -16.54 3.00
CA ASN A 187 -18.57 -16.19 4.15
C ASN A 187 -18.89 -14.80 4.71
N PRO A 188 -19.75 -14.75 5.75
CA PRO A 188 -20.09 -13.47 6.37
C PRO A 188 -19.03 -12.94 7.35
N GLN A 189 -17.88 -13.61 7.41
CA GLN A 189 -16.78 -13.20 8.28
C GLN A 189 -15.73 -12.45 7.47
N HIS A 190 -15.92 -12.42 6.12
CA HIS A 190 -15.05 -11.79 5.14
C HIS A 190 -14.69 -10.36 5.50
N PHE A 191 -15.70 -9.52 5.76
CA PHE A 191 -15.51 -8.12 6.14
C PHE A 191 -14.64 -8.00 7.37
N ALA A 192 -14.92 -8.82 8.40
CA ALA A 192 -14.17 -8.83 9.66
C ALA A 192 -12.74 -9.27 9.42
N CYS A 193 -12.55 -10.25 8.50
CA CYS A 193 -11.24 -10.77 8.12
C CYS A 193 -10.44 -9.75 7.34
N LEU A 194 -11.11 -8.98 6.43
CA LEU A 194 -10.43 -7.93 5.67
C LEU A 194 -9.82 -6.92 6.62
N LEU A 195 -10.66 -6.35 7.51
CA LEU A 195 -10.23 -5.41 8.55
C LEU A 195 -9.16 -6.05 9.45
N GLY A 196 -9.19 -7.39 9.54
CA GLY A 196 -8.23 -8.18 10.29
C GLY A 196 -6.83 -8.04 9.73
N ARG A 197 -6.71 -8.02 8.38
CA ARG A 197 -5.41 -7.88 7.71
C ARG A 197 -4.85 -6.47 7.86
N LEU A 198 -5.74 -5.50 8.10
CA LEU A 198 -5.35 -4.12 8.36
C LEU A 198 -4.56 -4.05 9.65
N THR A 199 -4.92 -4.87 10.65
CA THR A 199 -4.23 -4.94 11.94
C THR A 199 -2.83 -5.49 11.74
N GLU A 200 -2.74 -6.63 11.06
CA GLU A 200 -1.46 -7.29 10.76
C GLU A 200 -0.60 -6.38 9.89
N LEU A 201 -1.25 -5.54 9.05
CA LEU A 201 -0.58 -4.58 8.18
C LEU A 201 0.13 -3.53 9.01
N ARG A 202 -0.60 -2.91 9.95
CA ARG A 202 -0.07 -1.89 10.86
C ARG A 202 1.21 -2.31 11.56
N THR A 203 1.32 -3.60 11.98
CA THR A 203 2.53 -4.13 12.63
C THR A 203 3.80 -4.01 11.75
N PHE A 204 3.62 -3.74 10.44
CA PHE A 204 4.73 -3.60 9.50
C PHE A 204 5.56 -2.34 9.66
N ASN A 205 5.02 -1.31 10.35
CA ASN A 205 5.76 -0.07 10.61
C ASN A 205 6.95 -0.29 11.53
N HIS A 206 6.75 -1.11 12.60
CA HIS A 206 7.84 -1.46 13.49
C HIS A 206 8.91 -2.26 12.73
N HIS A 207 8.51 -3.38 12.10
CA HIS A 207 9.44 -4.22 11.30
C HIS A 207 10.18 -3.40 10.27
N HIS A 208 9.44 -2.53 9.51
CA HIS A 208 10.01 -1.65 8.49
C HIS A 208 11.08 -0.72 9.07
N ALA A 209 10.82 -0.09 10.27
CA ALA A 209 11.79 0.75 11.00
C ALA A 209 13.04 -0.08 11.27
N GLU A 210 12.88 -1.29 11.87
CA GLU A 210 13.97 -2.22 12.14
C GLU A 210 14.80 -2.52 10.86
N MET A 211 14.14 -2.86 9.72
CA MET A 211 14.87 -3.13 8.45
C MET A 211 15.55 -1.88 7.91
N LEU A 212 14.91 -0.72 8.02
CA LEU A 212 15.46 0.57 7.58
C LEU A 212 16.89 0.78 8.11
N MET A 213 17.03 0.81 9.47
CA MET A 213 18.30 0.95 10.22
C MET A 213 19.33 -0.03 9.73
N SER A 214 18.92 -1.30 9.48
CA SER A 214 19.79 -2.36 8.97
C SER A 214 20.45 -1.93 7.66
N TRP A 215 19.67 -1.54 6.63
CA TRP A 215 20.21 -1.05 5.35
C TRP A 215 21.03 0.22 5.61
N ARG A 216 20.57 1.07 6.56
CA ARG A 216 21.18 2.33 6.97
C ARG A 216 22.61 2.20 7.53
N VAL A 217 22.77 1.38 8.59
CA VAL A 217 24.04 1.13 9.27
C VAL A 217 24.99 0.37 8.33
N ASN A 218 24.43 -0.46 7.41
CA ASN A 218 25.19 -1.28 6.46
C ASN A 218 25.42 -0.66 5.07
N ASP A 219 25.26 0.68 4.96
CA ASP A 219 25.50 1.45 3.73
C ASP A 219 24.57 1.20 2.49
N HIS A 220 23.24 1.20 2.70
CA HIS A 220 22.27 1.07 1.60
C HIS A 220 21.52 2.39 1.53
N LYS A 221 21.66 3.12 0.40
CA LYS A 221 21.05 4.44 0.26
C LYS A 221 19.63 4.48 -0.35
N PHE A 222 18.81 5.40 0.16
CA PHE A 222 17.42 5.65 -0.24
C PHE A 222 17.30 7.00 -0.93
N THR A 223 16.39 7.06 -1.92
CA THR A 223 16.07 8.27 -2.68
C THR A 223 15.56 9.39 -1.74
N PRO A 224 15.84 10.69 -2.04
CA PRO A 224 15.35 11.78 -1.17
C PRO A 224 13.84 11.76 -0.91
N LEU A 225 13.03 11.33 -1.90
CA LEU A 225 11.59 11.21 -1.67
C LEU A 225 11.31 10.15 -0.59
N LEU A 226 11.97 8.99 -0.70
CA LEU A 226 11.86 7.92 0.31
C LEU A 226 12.39 8.35 1.66
N CYS A 227 13.49 9.11 1.69
CA CYS A 227 14.00 9.65 2.96
C CYS A 227 12.93 10.53 3.66
N GLU A 228 12.14 11.31 2.90
CA GLU A 228 11.06 12.14 3.46
C GLU A 228 9.93 11.27 3.98
N ILE A 229 9.48 10.30 3.18
CA ILE A 229 8.36 9.41 3.54
C ILE A 229 8.70 8.42 4.71
N TRP A 230 9.89 7.80 4.65
CA TRP A 230 10.34 6.80 5.61
C TRP A 230 11.12 7.37 6.81
N ASP A 231 11.39 8.69 6.79
CA ASP A 231 12.17 9.40 7.82
C ASP A 231 13.64 9.04 8.06
N VAL A 232 14.51 9.37 7.10
CA VAL A 232 15.94 9.03 7.17
C VAL A 232 16.89 10.24 7.28
N HIS B 3 8.09 16.90 3.91
CA HIS B 3 8.77 18.19 3.70
C HIS B 3 8.54 18.69 2.27
N GLN B 4 9.62 19.18 1.65
CA GLN B 4 9.68 19.76 0.31
C GLN B 4 9.01 18.90 -0.77
N LEU B 5 9.43 17.63 -0.90
CA LEU B 5 8.98 16.72 -1.96
C LEU B 5 7.55 16.28 -1.83
N LEU B 6 7.12 15.96 -0.62
CA LEU B 6 5.76 15.53 -0.34
C LEU B 6 4.74 16.64 -0.62
N ARG B 7 4.95 17.87 -0.08
CA ARG B 7 4.04 19.01 -0.29
C ARG B 7 3.95 19.32 -1.76
N TYR B 8 5.12 19.24 -2.44
CA TYR B 8 5.22 19.43 -3.86
C TYR B 8 4.31 18.43 -4.55
N LEU B 9 4.52 17.13 -4.35
CA LEU B 9 3.72 16.09 -5.00
C LEU B 9 2.23 16.26 -4.77
N LEU B 10 1.87 16.72 -3.55
CA LEU B 10 0.48 16.96 -3.17
C LEU B 10 -0.13 18.13 -3.94
N ASP B 11 0.55 19.27 -3.92
CA ASP B 11 0.09 20.47 -4.59
C ASP B 11 0.26 20.41 -6.09
N LYS B 12 1.43 19.92 -6.59
CA LYS B 12 1.75 19.81 -8.02
C LYS B 12 2.93 18.86 -8.26
#